data_3GGD
#
_entry.id   3GGD
#
_cell.length_a   112.520
_cell.length_b   112.520
_cell.length_c   112.560
_cell.angle_alpha   90.000
_cell.angle_beta   90.000
_cell.angle_gamma   90.000
#
_symmetry.space_group_name_H-M   'P 41 21 2'
#
loop_
_entity.id
_entity.type
_entity.pdbx_description
1 polymer 'SAM-dependent methyltransferase'
2 non-polymer 'UNKNOWN LIGAND'
3 non-polymer 'COBALT (II) ION'
4 non-polymer 'CHLORIDE ION'
5 non-polymer S-ADENOSYL-L-HOMOCYSTEINE
6 non-polymer IMIDAZOLE
7 non-polymer 'SULFATE ION'
8 non-polymer 1,2-ETHANEDIOL
9 water water
#
_entity_poly.entity_id   1
_entity_poly.type   'polypeptide(L)'
_entity_poly.pdbx_seq_one_letter_code
;G(MSE)EKLSAIKKPDINVADAWEQYWNKTLVNSTPVLWDANVERAVVVDLPRFELLFNPELPLIDFACGNGTQTKFLSQ
FFPRVIGLDVSKSALEIAAKENTAANISYRLLDGLVPEQAAQIHSEIGDANIY(MSE)RTGFHHIPVEKRELLGQSLRIL
LGKQGA(MSE)YLIELGTGCIDFFNSLLEKYGQLPYELLLV(MSE)EHGIRPGIFTAEDIELYFPDFEILSQGEGLFQSI
HKLPDGNYATPPAFWAVIKHR
;
_entity_poly.pdbx_strand_id   A
#
loop_
_chem_comp.id
_chem_comp.type
_chem_comp.name
_chem_comp.formula
CL non-polymer 'CHLORIDE ION' 'Cl -1'
CO non-polymer 'COBALT (II) ION' 'Co 2'
EDO non-polymer 1,2-ETHANEDIOL 'C2 H6 O2'
IMD non-polymer IMIDAZOLE 'C3 H5 N2 1'
SAH non-polymer S-ADENOSYL-L-HOMOCYSTEINE 'C14 H20 N6 O5 S'
SO4 non-polymer 'SULFATE ION' 'O4 S -2'
UNL non-polymer 'UNKNOWN LIGAND' ?
#
# COMPACT_ATOMS: atom_id res chain seq x y z
N GLU A 3 21.32 1.11 12.78
CA GLU A 3 21.83 -0.29 12.76
C GLU A 3 20.97 -1.15 11.81
N LYS A 4 21.32 -2.46 11.76
CA LYS A 4 20.75 -3.44 10.81
C LYS A 4 19.26 -3.72 11.03
N LEU A 5 18.49 -3.81 9.93
CA LEU A 5 17.05 -4.13 10.01
C LEU A 5 16.85 -5.60 10.36
N SER A 6 15.82 -5.88 11.16
CA SER A 6 15.49 -7.25 11.53
C SER A 6 14.24 -7.75 10.78
N ALA A 7 14.26 -9.04 10.44
CA ALA A 7 13.12 -9.70 9.79
C ALA A 7 12.00 -9.98 10.81
N ILE A 8 12.37 -10.53 11.97
CA ILE A 8 11.42 -10.84 13.04
C ILE A 8 11.16 -9.60 13.95
N LYS A 9 12.14 -9.26 14.78
CA LYS A 9 11.99 -8.16 15.77
C LYS A 9 11.60 -6.82 15.12
N LYS A 10 10.69 -6.08 15.79
CA LYS A 10 10.20 -4.77 15.30
C LYS A 10 9.79 -3.91 16.51
N PRO A 11 9.85 -2.56 16.36
CA PRO A 11 9.33 -1.74 17.46
C PRO A 11 7.80 -1.94 17.59
N ASP A 12 7.31 -1.98 18.82
CA ASP A 12 5.88 -2.14 19.09
C ASP A 12 5.23 -0.75 18.93
N ILE A 13 4.27 -0.61 18.02
CA ILE A 13 3.68 0.70 17.76
C ILE A 13 2.17 0.66 17.72
N ASN A 14 1.59 1.84 17.85
CA ASN A 14 0.21 2.06 17.52
C ASN A 14 0.27 2.48 16.07
N VAL A 15 -0.19 1.59 15.18
CA VAL A 15 -0.05 1.77 13.76
C VAL A 15 -0.71 3.08 13.26
N ALA A 16 -1.96 3.33 13.69
CA ALA A 16 -2.71 4.54 13.28
C ALA A 16 -1.94 5.80 13.66
N ASP A 17 -1.50 5.85 14.92
CA ASP A 17 -0.75 6.99 15.44
C ASP A 17 0.58 7.23 14.73
N ALA A 18 1.32 6.14 14.49
CA ALA A 18 2.65 6.25 13.88
C ALA A 18 2.54 6.85 12.47
N TRP A 19 1.59 6.33 11.70
CA TRP A 19 1.38 6.79 10.34
C TRP A 19 0.87 8.23 10.25
N GLU A 20 -0.04 8.61 11.15
CA GLU A 20 -0.46 10.00 11.19
C GLU A 20 0.71 10.91 11.60
N GLN A 21 1.56 10.44 12.51
CA GLN A 21 2.73 11.27 12.88
C GLN A 21 3.65 11.48 11.65
N TYR A 22 3.85 10.40 10.90
CA TYR A 22 4.66 10.49 9.70
C TYR A 22 4.08 11.45 8.66
N TRP A 23 2.79 11.28 8.38
CA TRP A 23 2.12 12.08 7.36
C TRP A 23 1.98 13.50 7.79
N ASN A 24 1.73 13.74 9.07
CA ASN A 24 1.65 15.13 9.51
C ASN A 24 3.03 15.84 9.40
N LYS A 25 4.10 15.11 9.72
CA LYS A 25 5.43 15.65 9.55
C LYS A 25 5.70 15.95 8.08
N THR A 26 5.28 15.03 7.21
CA THR A 26 5.40 15.21 5.76
C THR A 26 4.61 16.42 5.26
N LEU A 27 3.35 16.55 5.70
CA LEU A 27 2.49 17.68 5.37
C LEU A 27 3.08 19.01 5.83
N VAL A 28 3.45 19.09 7.11
CA VAL A 28 4.03 20.32 7.63
C VAL A 28 5.32 20.75 6.94
N ASN A 29 6.19 19.78 6.70
CA ASN A 29 7.56 20.10 6.32
C ASN A 29 7.88 19.81 4.87
N SER A 30 6.94 19.26 4.13
CA SER A 30 7.15 18.94 2.73
C SER A 30 8.42 18.10 2.50
N THR A 31 8.54 16.97 3.20
CA THR A 31 9.70 16.14 3.08
C THR A 31 9.37 15.01 2.06
N PRO A 32 10.43 14.37 1.51
CA PRO A 32 10.28 13.34 0.49
C PRO A 32 9.58 12.10 1.01
N VAL A 33 8.89 11.41 0.11
CA VAL A 33 8.09 10.23 0.45
C VAL A 33 8.65 9.08 -0.36
N LEU A 34 9.29 8.17 0.35
CA LEU A 34 10.08 7.11 -0.24
C LEU A 34 9.41 6.36 -1.40
N TRP A 35 8.15 5.99 -1.22
CA TRP A 35 7.43 5.16 -2.20
C TRP A 35 6.68 5.96 -3.28
N ASP A 36 6.77 7.28 -3.23
CA ASP A 36 5.88 8.12 -4.04
C ASP A 36 6.50 8.37 -5.44
N ALA A 37 6.67 7.26 -6.17
CA ALA A 37 7.20 7.28 -7.52
C ALA A 37 6.19 7.88 -8.51
N ASN A 38 6.67 8.49 -9.58
CA ASN A 38 5.79 8.96 -10.63
C ASN A 38 4.96 7.80 -11.19
N VAL A 39 3.73 8.09 -11.60
CA VAL A 39 2.76 7.04 -12.00
C VAL A 39 3.30 6.09 -13.08
N GLU A 40 4.12 6.62 -13.97
CA GLU A 40 4.67 5.82 -15.04
C GLU A 40 5.49 4.62 -14.54
N ARG A 41 6.02 4.70 -13.32
CA ARG A 41 6.82 3.61 -12.74
C ARG A 41 6.01 2.89 -11.64
N ALA A 42 4.75 3.26 -11.44
CA ALA A 42 3.97 2.73 -10.35
C ALA A 42 2.63 2.18 -10.91
N VAL A 43 1.54 2.90 -10.71
CA VAL A 43 0.23 2.40 -11.17
C VAL A 43 0.11 2.10 -12.69
N VAL A 44 0.88 2.80 -13.52
CA VAL A 44 0.90 2.52 -14.95
C VAL A 44 1.43 1.10 -15.22
N VAL A 45 2.40 0.69 -14.39
CA VAL A 45 2.94 -0.69 -14.47
C VAL A 45 1.93 -1.70 -13.91
N ASP A 46 1.24 -1.32 -12.84
CA ASP A 46 0.24 -2.21 -12.23
C ASP A 46 -1.04 -2.47 -13.05
N LEU A 47 -1.56 -1.42 -13.70
CA LEU A 47 -2.91 -1.47 -14.28
C LEU A 47 -3.10 -2.60 -15.30
N PRO A 48 -2.15 -2.84 -16.23
CA PRO A 48 -2.35 -3.98 -17.12
C PRO A 48 -2.53 -5.34 -16.41
N ARG A 49 -2.01 -5.48 -15.21
CA ARG A 49 -2.09 -6.77 -14.49
C ARG A 49 -3.48 -7.07 -13.98
N PHE A 50 -4.34 -6.04 -13.84
CA PHE A 50 -5.70 -6.26 -13.35
C PHE A 50 -6.87 -5.64 -14.12
N GLU A 51 -6.61 -4.73 -15.05
CA GLU A 51 -7.70 -4.05 -15.71
C GLU A 51 -8.64 -4.95 -16.50
N LEU A 52 -8.16 -6.07 -17.05
CA LEU A 52 -9.04 -6.94 -17.78
C LEU A 52 -9.73 -7.89 -16.81
N LEU A 53 -9.37 -7.87 -15.53
CA LEU A 53 -9.98 -8.80 -14.58
C LEU A 53 -11.01 -8.14 -13.67
N PHE A 54 -11.05 -6.81 -13.57
CA PHE A 54 -11.98 -6.14 -12.67
C PHE A 54 -13.29 -5.81 -13.37
N ASN A 55 -14.44 -6.04 -12.74
CA ASN A 55 -15.68 -5.49 -13.28
C ASN A 55 -15.71 -3.98 -12.98
N PRO A 56 -15.75 -3.11 -14.02
CA PRO A 56 -15.60 -1.65 -13.77
C PRO A 56 -16.90 -0.99 -13.27
N GLU A 57 -18.01 -1.72 -13.37
CA GLU A 57 -19.28 -1.33 -12.73
C GLU A 57 -19.23 -1.32 -11.19
N LEU A 58 -18.22 -1.88 -10.55
CA LEU A 58 -18.14 -1.77 -9.12
C LEU A 58 -17.28 -0.57 -8.77
N PRO A 59 -17.52 0.00 -7.58
CA PRO A 59 -16.63 1.06 -7.16
C PRO A 59 -15.23 0.50 -6.96
N LEU A 60 -14.22 1.34 -7.19
CA LEU A 60 -12.82 0.98 -6.98
C LEU A 60 -12.31 1.68 -5.74
N ILE A 61 -11.78 0.89 -4.80
CA ILE A 61 -11.13 1.44 -3.64
C ILE A 61 -9.61 1.38 -3.80
N ASP A 62 -8.96 2.54 -3.61
CA ASP A 62 -7.48 2.65 -3.44
C ASP A 62 -7.29 2.55 -1.94
N PHE A 63 -6.96 1.35 -1.48
CA PHE A 63 -6.88 1.07 -0.06
C PHE A 63 -5.49 1.47 0.47
N ALA A 64 -5.45 2.34 1.49
CA ALA A 64 -4.16 2.89 2.02
C ALA A 64 -3.53 3.77 0.91
N CYS A 65 -4.34 4.69 0.41
CA CYS A 65 -4.00 5.52 -0.73
C CYS A 65 -2.92 6.59 -0.49
N GLY A 66 -2.55 6.82 0.78
CA GLY A 66 -1.51 7.81 1.08
C GLY A 66 -1.92 9.19 0.56
N ASN A 67 -1.00 9.87 -0.12
CA ASN A 67 -1.23 11.21 -0.64
C ASN A 67 -1.91 11.26 -1.99
N GLY A 68 -2.39 10.11 -2.45
CA GLY A 68 -3.25 10.09 -3.63
C GLY A 68 -2.62 10.15 -4.99
N THR A 69 -1.31 10.02 -5.07
CA THR A 69 -0.63 10.11 -6.35
C THR A 69 -1.17 9.06 -7.32
N GLN A 70 -1.37 7.82 -6.85
CA GLN A 70 -1.84 6.75 -7.76
C GLN A 70 -3.34 6.84 -7.99
N THR A 71 -4.03 7.31 -6.95
CA THR A 71 -5.47 7.47 -6.93
C THR A 71 -5.95 8.37 -8.06
N LYS A 72 -5.27 9.49 -8.24
CA LYS A 72 -5.60 10.41 -9.32
C LYS A 72 -5.58 9.72 -10.71
N PHE A 73 -4.54 8.93 -10.98
CA PHE A 73 -4.46 8.20 -12.22
C PHE A 73 -5.63 7.19 -12.33
N LEU A 74 -5.86 6.41 -11.29
CA LEU A 74 -6.96 5.46 -11.30
C LEU A 74 -8.28 6.15 -11.68
N SER A 75 -8.47 7.38 -11.19
CA SER A 75 -9.73 8.08 -11.39
C SER A 75 -9.90 8.48 -12.84
N GLN A 76 -8.80 8.55 -13.59
CA GLN A 76 -8.88 8.90 -15.02
C GLN A 76 -9.38 7.69 -15.84
N PHE A 77 -9.27 6.50 -15.27
CA PHE A 77 -9.63 5.26 -15.97
C PHE A 77 -10.91 4.60 -15.44
N PHE A 78 -11.24 4.77 -14.16
CA PHE A 78 -12.42 4.13 -13.56
C PHE A 78 -13.47 5.17 -13.25
N PRO A 79 -14.75 4.81 -13.40
CA PRO A 79 -15.82 5.79 -13.18
C PRO A 79 -15.92 6.32 -11.74
N ARG A 80 -15.63 5.46 -10.76
N ARG A 80 -15.64 5.46 -10.76
CA ARG A 80 -15.79 5.86 -9.37
CA ARG A 80 -15.82 5.80 -9.35
C ARG A 80 -14.66 5.30 -8.51
C ARG A 80 -14.66 5.30 -8.50
N VAL A 81 -13.92 6.21 -7.88
CA VAL A 81 -12.78 5.85 -7.03
C VAL A 81 -12.95 6.42 -5.61
N ILE A 82 -12.66 5.58 -4.62
CA ILE A 82 -12.66 5.95 -3.23
C ILE A 82 -11.25 5.69 -2.68
N GLY A 83 -10.62 6.73 -2.16
CA GLY A 83 -9.30 6.62 -1.55
C GLY A 83 -9.46 6.54 -0.04
N LEU A 84 -9.01 5.43 0.54
CA LEU A 84 -9.12 5.21 1.98
C LEU A 84 -7.71 5.21 2.62
N ASP A 85 -7.60 5.87 3.77
CA ASP A 85 -6.36 5.85 4.51
C ASP A 85 -6.66 6.10 5.98
N VAL A 86 -5.81 5.55 6.84
CA VAL A 86 -5.90 5.77 8.29
C VAL A 86 -5.52 7.18 8.71
N SER A 87 -4.73 7.89 7.87
CA SER A 87 -4.17 9.16 8.26
C SER A 87 -4.91 10.35 7.70
N LYS A 88 -5.36 11.23 8.60
CA LYS A 88 -6.02 12.46 8.17
C LYS A 88 -5.06 13.40 7.43
N SER A 89 -3.80 13.42 7.84
CA SER A 89 -2.81 14.29 7.17
C SER A 89 -2.52 13.77 5.76
N ALA A 90 -2.44 12.46 5.59
CA ALA A 90 -2.32 11.88 4.23
C ALA A 90 -3.47 12.35 3.33
N LEU A 91 -4.69 12.26 3.84
CA LEU A 91 -5.86 12.64 3.08
C LEU A 91 -5.92 14.13 2.88
N GLU A 92 -5.34 14.91 3.79
CA GLU A 92 -5.26 16.35 3.60
C GLU A 92 -4.33 16.70 2.42
N ILE A 93 -3.21 16.01 2.29
CA ILE A 93 -2.35 16.16 1.10
C ILE A 93 -3.11 15.71 -0.18
N ALA A 94 -3.71 14.52 -0.12
CA ALA A 94 -4.47 13.97 -1.25
C ALA A 94 -5.55 14.93 -1.73
N ALA A 95 -6.37 15.44 -0.81
CA ALA A 95 -7.48 16.27 -1.18
C ALA A 95 -7.01 17.60 -1.72
N LYS A 96 -5.76 17.95 -1.54
CA LYS A 96 -5.27 19.19 -2.08
C LYS A 96 -4.57 18.98 -3.41
N GLU A 97 -3.77 17.93 -3.50
CA GLU A 97 -2.94 17.72 -4.65
C GLU A 97 -3.53 16.79 -5.69
N ASN A 98 -4.49 15.95 -5.31
CA ASN A 98 -4.96 14.89 -6.20
C ASN A 98 -6.47 14.69 -6.14
N THR A 99 -7.21 15.78 -6.25
CA THR A 99 -8.67 15.70 -6.27
C THR A 99 -9.20 15.48 -7.69
N ALA A 100 -10.42 14.97 -7.77
CA ALA A 100 -11.12 14.83 -9.05
C ALA A 100 -12.61 14.67 -8.68
N ALA A 101 -13.48 15.02 -9.61
CA ALA A 101 -14.94 14.92 -9.42
C ALA A 101 -15.34 13.51 -9.01
N ASN A 102 -14.63 12.48 -9.51
CA ASN A 102 -15.00 11.09 -9.23
C ASN A 102 -14.12 10.40 -8.21
N ILE A 103 -13.43 11.18 -7.40
CA ILE A 103 -12.71 10.63 -6.27
C ILE A 103 -13.32 11.12 -4.95
N SER A 104 -13.55 10.20 -4.03
N SER A 104 -13.48 10.19 -4.01
CA SER A 104 -13.87 10.54 -2.65
CA SER A 104 -13.92 10.46 -2.65
C SER A 104 -12.74 10.02 -1.77
C SER A 104 -12.83 9.97 -1.68
N TYR A 105 -12.23 10.86 -0.88
CA TYR A 105 -11.24 10.44 0.09
C TYR A 105 -11.94 10.27 1.42
N ARG A 106 -11.69 9.17 2.11
CA ARG A 106 -12.37 8.92 3.35
C ARG A 106 -11.45 8.21 4.35
N LEU A 107 -11.56 8.61 5.61
N LEU A 107 -11.55 8.59 5.62
CA LEU A 107 -10.77 8.02 6.69
CA LEU A 107 -10.68 8.07 6.67
C LEU A 107 -11.24 6.60 6.90
C LEU A 107 -11.18 6.68 7.06
N LEU A 108 -10.28 5.68 7.04
CA LEU A 108 -10.60 4.32 7.44
C LEU A 108 -9.36 3.64 7.99
N ASP A 109 -9.56 2.91 9.08
CA ASP A 109 -8.53 2.14 9.70
C ASP A 109 -8.75 0.67 9.43
N GLY A 110 -7.87 0.07 8.61
CA GLY A 110 -7.93 -1.33 8.25
C GLY A 110 -7.84 -2.33 9.41
N LEU A 111 -7.36 -1.85 10.57
CA LEU A 111 -7.23 -2.68 11.74
C LEU A 111 -8.49 -2.60 12.59
N VAL A 112 -9.53 -1.93 12.11
CA VAL A 112 -10.81 -1.83 12.82
C VAL A 112 -11.89 -2.25 11.83
N PRO A 113 -12.13 -3.58 11.70
CA PRO A 113 -13.00 -4.09 10.63
C PRO A 113 -14.44 -3.59 10.61
N GLU A 114 -14.94 -3.11 11.72
CA GLU A 114 -16.26 -2.47 11.74
C GLU A 114 -16.33 -1.25 10.79
N GLN A 115 -15.22 -0.57 10.58
CA GLN A 115 -15.23 0.57 9.66
C GLN A 115 -15.41 0.07 8.21
N ALA A 116 -14.75 -1.03 7.86
CA ALA A 116 -14.98 -1.65 6.58
C ALA A 116 -16.43 -2.11 6.41
N ALA A 117 -17.02 -2.69 7.47
CA ALA A 117 -18.40 -3.10 7.44
C ALA A 117 -19.31 -1.89 7.12
N GLN A 118 -19.00 -0.73 7.70
CA GLN A 118 -19.81 0.47 7.49
C GLN A 118 -19.73 0.88 6.00
N ILE A 119 -18.53 0.97 5.48
CA ILE A 119 -18.31 1.31 4.08
C ILE A 119 -19.07 0.34 3.15
N HIS A 120 -18.88 -0.97 3.35
CA HIS A 120 -19.52 -1.94 2.49
C HIS A 120 -21.05 -1.82 2.58
N SER A 121 -21.59 -1.48 3.75
CA SER A 121 -23.04 -1.36 3.89
C SER A 121 -23.55 -0.20 3.00
N GLU A 122 -22.70 0.79 2.76
CA GLU A 122 -23.04 1.93 1.90
C GLU A 122 -22.85 1.69 0.41
N ILE A 123 -21.77 1.03 0.00
CA ILE A 123 -21.42 0.98 -1.42
C ILE A 123 -21.51 -0.40 -2.08
N GLY A 124 -21.68 -1.46 -1.28
CA GLY A 124 -21.64 -2.81 -1.79
C GLY A 124 -20.23 -3.27 -2.05
N ASP A 125 -20.13 -4.37 -2.79
CA ASP A 125 -18.85 -5.01 -3.09
C ASP A 125 -18.02 -4.02 -3.91
N ALA A 126 -16.74 -3.94 -3.60
CA ALA A 126 -15.81 -3.01 -4.27
C ALA A 126 -14.60 -3.80 -4.79
N ASN A 127 -14.02 -3.31 -5.87
CA ASN A 127 -12.69 -3.80 -6.28
C ASN A 127 -11.68 -3.04 -5.46
N ILE A 128 -10.49 -3.61 -5.28
CA ILE A 128 -9.43 -2.94 -4.50
C ILE A 128 -8.09 -2.92 -5.21
N TYR A 129 -7.49 -1.72 -5.21
CA TYR A 129 -6.10 -1.52 -5.58
C TYR A 129 -5.37 -1.18 -4.28
N MSE A 130 -4.32 -1.94 -3.97
CA MSE A 130 -3.53 -1.66 -2.80
C MSE A 130 -2.04 -1.75 -3.12
O MSE A 130 -1.50 -2.81 -3.45
CB MSE A 130 -3.88 -2.62 -1.67
CG MSE A 130 -3.18 -2.26 -0.37
SE MSE A 130 -3.84 -3.43 1.14
CE MSE A 130 -3.00 -4.96 0.59
N ARG A 131 -1.36 -0.62 -2.95
CA ARG A 131 0.08 -0.52 -3.23
C ARG A 131 0.82 -0.31 -1.90
N THR A 132 1.51 -1.36 -1.48
CA THR A 132 2.25 -1.42 -0.25
C THR A 132 1.42 -1.07 0.96
N GLY A 133 0.30 -1.76 1.12
CA GLY A 133 -0.55 -1.56 2.29
C GLY A 133 -0.41 -2.63 3.34
N PHE A 134 0.37 -3.69 3.08
CA PHE A 134 0.40 -4.85 3.99
C PHE A 134 1.76 -5.15 4.63
N HIS A 135 2.84 -4.99 3.86
CA HIS A 135 4.16 -5.51 4.28
C HIS A 135 4.64 -4.84 5.58
N HIS A 136 4.28 -3.58 5.80
CA HIS A 136 4.72 -2.88 7.01
C HIS A 136 3.84 -3.15 8.23
N ILE A 137 2.70 -3.81 8.03
CA ILE A 137 1.81 -4.11 9.16
C ILE A 137 2.45 -5.16 10.07
N PRO A 138 2.52 -4.88 11.37
CA PRO A 138 3.03 -5.92 12.27
C PRO A 138 2.28 -7.24 12.06
N VAL A 139 3.01 -8.34 12.06
CA VAL A 139 2.46 -9.66 11.74
C VAL A 139 1.26 -10.02 12.60
N GLU A 140 1.33 -9.68 13.88
CA GLU A 140 0.24 -9.99 14.79
C GLU A 140 -1.05 -9.16 14.56
N LYS A 141 -1.00 -8.14 13.70
CA LYS A 141 -2.16 -7.35 13.38
C LYS A 141 -2.67 -7.59 11.98
N ARG A 142 -1.99 -8.45 11.22
CA ARG A 142 -2.33 -8.65 9.82
C ARG A 142 -3.69 -9.28 9.57
N GLU A 143 -4.13 -10.15 10.47
CA GLU A 143 -5.41 -10.80 10.30
C GLU A 143 -6.56 -9.77 10.30
N LEU A 144 -6.43 -8.70 11.09
CA LEU A 144 -7.42 -7.64 11.17
C LEU A 144 -7.55 -6.97 9.81
N LEU A 145 -6.41 -6.70 9.17
CA LEU A 145 -6.45 -6.06 7.87
C LEU A 145 -7.09 -7.05 6.84
N GLY A 146 -6.72 -8.32 6.92
CA GLY A 146 -7.35 -9.32 6.05
C GLY A 146 -8.88 -9.31 6.24
N GLN A 147 -9.35 -9.24 7.47
CA GLN A 147 -10.81 -9.13 7.76
C GLN A 147 -11.43 -7.91 7.01
N SER A 148 -10.82 -6.74 7.17
CA SER A 148 -11.30 -5.54 6.51
C SER A 148 -11.41 -5.72 5.00
N LEU A 149 -10.37 -6.27 4.40
CA LEU A 149 -10.33 -6.45 2.97
C LEU A 149 -11.40 -7.42 2.48
N ARG A 150 -11.60 -8.52 3.21
CA ARG A 150 -12.57 -9.53 2.91
C ARG A 150 -13.98 -8.89 2.92
N ILE A 151 -14.22 -8.05 3.91
CA ILE A 151 -15.49 -7.36 4.04
C ILE A 151 -15.72 -6.42 2.84
N LEU A 152 -14.71 -5.63 2.47
CA LEU A 152 -14.90 -4.69 1.35
C LEU A 152 -15.15 -5.36 -0.02
N LEU A 153 -14.45 -6.49 -0.26
CA LEU A 153 -14.51 -7.20 -1.52
C LEU A 153 -15.81 -7.97 -1.73
N GLY A 154 -16.32 -8.57 -0.64
CA GLY A 154 -17.49 -9.46 -0.75
C GLY A 154 -17.23 -10.54 -1.80
N LYS A 155 -18.25 -10.96 -2.52
CA LYS A 155 -18.11 -12.01 -3.52
C LYS A 155 -17.60 -11.48 -4.86
N GLN A 156 -18.06 -10.31 -5.27
CA GLN A 156 -17.80 -9.86 -6.63
C GLN A 156 -16.56 -9.04 -6.82
N GLY A 157 -16.04 -8.47 -5.75
CA GLY A 157 -14.83 -7.68 -5.84
C GLY A 157 -13.55 -8.47 -6.10
N ALA A 158 -12.60 -7.85 -6.80
CA ALA A 158 -11.25 -8.41 -6.96
C ALA A 158 -10.26 -7.38 -6.42
N MSE A 159 -9.12 -7.88 -5.94
CA MSE A 159 -8.07 -7.03 -5.37
C MSE A 159 -6.78 -7.29 -6.08
O MSE A 159 -6.34 -8.44 -6.18
CB MSE A 159 -7.85 -7.32 -3.87
CG MSE A 159 -6.66 -6.60 -3.35
SE MSE A 159 -6.53 -6.50 -1.42
CE MSE A 159 -6.56 -8.40 -0.97
N TYR A 160 -6.14 -6.21 -6.52
CA TYR A 160 -4.77 -6.25 -6.92
C TYR A 160 -3.96 -5.64 -5.77
N LEU A 161 -2.95 -6.37 -5.31
CA LEU A 161 -2.01 -5.81 -4.34
C LEU A 161 -0.56 -6.06 -4.78
N ILE A 162 0.30 -5.09 -4.46
CA ILE A 162 1.73 -5.18 -4.71
C ILE A 162 2.41 -4.74 -3.38
N GLU A 163 3.30 -5.60 -2.92
CA GLU A 163 3.93 -5.46 -1.62
C GLU A 163 5.43 -5.71 -1.75
N LEU A 164 6.18 -5.36 -0.72
CA LEU A 164 7.59 -5.73 -0.69
C LEU A 164 7.61 -7.21 -0.36
N GLY A 165 8.43 -7.95 -1.09
CA GLY A 165 8.45 -9.40 -0.99
C GLY A 165 9.70 -9.96 -0.33
N THR A 166 9.83 -11.28 -0.40
CA THR A 166 10.99 -11.99 0.13
C THR A 166 12.23 -11.30 -0.42
N GLY A 167 13.18 -11.08 0.47
CA GLY A 167 14.41 -10.39 0.07
C GLY A 167 14.39 -8.94 0.46
N CYS A 168 13.23 -8.43 0.87
CA CYS A 168 13.13 -7.02 1.24
C CYS A 168 14.19 -6.57 2.26
N ILE A 169 14.29 -7.31 3.36
CA ILE A 169 15.18 -6.92 4.47
C ILE A 169 16.65 -7.06 4.04
N ASP A 170 16.99 -8.14 3.34
CA ASP A 170 18.32 -8.28 2.78
C ASP A 170 18.68 -7.13 1.83
N PHE A 171 17.74 -6.74 1.00
CA PHE A 171 17.94 -5.67 0.06
C PHE A 171 18.36 -4.38 0.79
N PHE A 172 17.58 -4.01 1.80
CA PHE A 172 17.89 -2.79 2.55
C PHE A 172 19.18 -2.91 3.38
N ASN A 173 19.40 -4.06 3.98
CA ASN A 173 20.63 -4.29 4.71
C ASN A 173 21.88 -4.29 3.81
N SER A 174 21.74 -4.68 2.55
N SER A 174 21.75 -4.68 2.55
CA SER A 174 22.90 -4.62 1.64
CA SER A 174 22.92 -4.62 1.65
C SER A 174 23.25 -3.16 1.34
C SER A 174 23.25 -3.16 1.32
N LEU A 175 22.23 -2.29 1.27
CA LEU A 175 22.48 -0.86 1.08
C LEU A 175 23.25 -0.35 2.30
N LEU A 176 22.79 -0.74 3.49
CA LEU A 176 23.44 -0.35 4.73
C LEU A 176 24.87 -0.82 4.75
N GLU A 177 25.10 -2.08 4.40
CA GLU A 177 26.45 -2.62 4.36
C GLU A 177 27.34 -1.90 3.32
N LYS A 178 26.81 -1.68 2.12
CA LYS A 178 27.59 -1.08 1.07
C LYS A 178 27.85 0.40 1.30
N TYR A 179 26.85 1.13 1.78
CA TYR A 179 27.02 2.56 1.91
C TYR A 179 27.09 3.12 3.35
N GLY A 180 26.94 2.29 4.38
CA GLY A 180 27.05 2.80 5.74
C GLY A 180 25.82 3.43 6.40
N GLN A 181 24.78 3.71 5.62
CA GLN A 181 23.49 4.06 6.19
C GLN A 181 22.41 3.69 5.25
N LEU A 182 21.21 3.58 5.80
CA LEU A 182 20.02 3.34 5.04
C LEU A 182 19.64 4.63 4.29
N PRO A 183 18.85 4.50 3.22
CA PRO A 183 18.38 5.66 2.45
C PRO A 183 17.65 6.72 3.30
N TYR A 184 17.99 7.99 3.11
CA TYR A 184 17.33 9.11 3.81
C TYR A 184 15.83 8.97 3.86
N GLU A 185 15.23 8.69 2.71
CA GLU A 185 13.78 8.66 2.64
C GLU A 185 13.17 7.49 3.42
N LEU A 186 13.93 6.43 3.64
CA LEU A 186 13.47 5.31 4.45
C LEU A 186 13.62 5.70 5.92
N LEU A 187 14.73 6.33 6.25
CA LEU A 187 14.92 6.78 7.62
C LEU A 187 13.76 7.72 8.04
N LEU A 188 13.28 8.53 7.10
CA LEU A 188 12.15 9.43 7.37
C LEU A 188 10.90 8.73 7.86
N VAL A 189 10.67 7.50 7.39
N VAL A 189 10.67 7.49 7.42
CA VAL A 189 9.49 6.73 7.84
CA VAL A 189 9.48 6.79 7.88
C VAL A 189 9.83 6.04 9.17
C VAL A 189 9.78 5.93 9.13
N MSE A 190 11.01 5.43 9.23
CA MSE A 190 11.43 4.65 10.42
C MSE A 190 11.55 5.49 11.67
O MSE A 190 11.50 4.99 12.80
CB MSE A 190 12.75 3.95 10.14
CG MSE A 190 12.62 2.89 9.01
SE MSE A 190 14.40 2.12 8.59
CE MSE A 190 15.23 1.77 10.34
N GLU A 191 11.75 6.78 11.48
CA GLU A 191 11.75 7.75 12.58
C GLU A 191 10.50 7.56 13.45
N HIS A 192 9.41 7.06 12.87
CA HIS A 192 8.15 6.91 13.59
C HIS A 192 7.88 5.51 14.12
N GLY A 193 8.89 4.64 14.08
CA GLY A 193 8.73 3.26 14.55
C GLY A 193 8.19 2.30 13.47
N ILE A 194 7.82 2.83 12.30
CA ILE A 194 7.36 2.03 11.15
C ILE A 194 8.56 1.32 10.54
N ARG A 195 8.34 0.07 10.11
CA ARG A 195 9.40 -0.75 9.50
C ARG A 195 8.86 -1.43 8.26
N PRO A 196 9.71 -1.56 7.24
CA PRO A 196 9.31 -2.34 6.08
C PRO A 196 9.30 -3.79 6.49
N GLY A 197 8.49 -4.59 5.81
CA GLY A 197 8.44 -6.02 6.06
C GLY A 197 8.30 -6.79 4.76
N ILE A 198 7.78 -8.02 4.89
N ILE A 198 7.84 -8.03 4.84
CA ILE A 198 7.71 -9.02 3.80
CA ILE A 198 7.58 -8.76 3.62
C ILE A 198 6.28 -9.58 3.63
C ILE A 198 6.21 -9.38 3.61
N PHE A 199 5.74 -9.61 2.40
CA PHE A 199 4.45 -10.23 2.14
C PHE A 199 4.65 -11.22 0.98
N THR A 200 4.17 -12.45 1.14
CA THR A 200 4.40 -13.53 0.19
C THR A 200 3.14 -14.26 -0.27
N ALA A 201 3.32 -15.15 -1.24
CA ALA A 201 2.26 -16.03 -1.72
C ALA A 201 1.73 -16.81 -0.53
N GLU A 202 2.61 -17.20 0.38
CA GLU A 202 2.16 -17.98 1.55
C GLU A 202 1.29 -17.12 2.47
N ASP A 203 1.51 -15.80 2.48
CA ASP A 203 0.64 -14.91 3.26
C ASP A 203 -0.76 -14.81 2.64
N ILE A 204 -0.87 -14.93 1.32
CA ILE A 204 -2.19 -14.92 0.68
C ILE A 204 -2.97 -16.16 1.18
N GLU A 205 -2.32 -17.31 1.24
CA GLU A 205 -2.97 -18.51 1.77
C GLU A 205 -3.32 -18.39 3.26
N LEU A 206 -2.45 -17.75 4.02
CA LEU A 206 -2.61 -17.64 5.47
C LEU A 206 -3.79 -16.73 5.78
N TYR A 207 -3.84 -15.53 5.18
CA TYR A 207 -4.87 -14.56 5.50
C TYR A 207 -6.12 -14.66 4.65
N PHE A 208 -5.99 -15.28 3.47
CA PHE A 208 -7.09 -15.39 2.52
C PHE A 208 -7.26 -16.79 2.00
N PRO A 209 -7.44 -17.74 2.89
CA PRO A 209 -7.58 -19.11 2.41
C PRO A 209 -8.85 -19.34 1.55
N ASP A 210 -9.84 -18.45 1.71
CA ASP A 210 -11.09 -18.50 0.97
C ASP A 210 -10.99 -17.76 -0.37
N PHE A 211 -9.79 -17.35 -0.77
CA PHE A 211 -9.62 -16.65 -2.05
C PHE A 211 -8.85 -17.45 -3.09
N GLU A 212 -9.21 -17.23 -4.35
N GLU A 212 -9.17 -17.23 -4.35
CA GLU A 212 -8.51 -17.76 -5.52
CA GLU A 212 -8.42 -17.80 -5.46
C GLU A 212 -7.48 -16.70 -5.93
C GLU A 212 -7.51 -16.72 -6.03
N ILE A 213 -6.29 -17.13 -6.35
CA ILE A 213 -5.31 -16.23 -6.92
C ILE A 213 -5.55 -16.29 -8.44
N LEU A 214 -5.97 -15.18 -9.04
CA LEU A 214 -6.22 -15.15 -10.49
C LEU A 214 -4.93 -14.99 -11.27
N SER A 215 -3.95 -14.33 -10.67
CA SER A 215 -2.72 -14.03 -11.33
C SER A 215 -1.74 -13.56 -10.27
N GLN A 216 -0.46 -13.82 -10.44
CA GLN A 216 0.54 -13.32 -9.49
C GLN A 216 1.88 -13.17 -10.13
N GLY A 217 2.77 -12.44 -9.48
CA GLY A 217 4.16 -12.37 -9.95
C GLY A 217 5.02 -11.69 -8.90
N GLU A 218 6.21 -11.30 -9.30
CA GLU A 218 7.19 -10.65 -8.43
C GLU A 218 7.65 -9.29 -8.97
N GLY A 219 8.80 -9.25 -9.61
CA GLY A 219 9.32 -7.98 -10.13
C GLY A 219 9.85 -7.04 -9.06
N LEU A 220 9.82 -5.75 -9.40
CA LEU A 220 10.43 -4.70 -8.59
C LEU A 220 9.40 -3.70 -8.10
N PHE A 221 9.74 -3.05 -6.98
CA PHE A 221 8.93 -1.96 -6.43
C PHE A 221 9.74 -0.70 -6.63
N GLN A 222 9.11 0.36 -7.12
CA GLN A 222 9.85 1.59 -7.40
C GLN A 222 9.80 2.64 -6.30
N SER A 223 10.97 3.05 -5.84
CA SER A 223 11.11 4.08 -4.83
C SER A 223 11.67 5.34 -5.50
N ILE A 224 11.74 6.44 -4.75
CA ILE A 224 12.28 7.70 -5.28
C ILE A 224 13.73 7.90 -4.80
N HIS A 225 14.26 6.96 -4.02
CA HIS A 225 15.64 7.09 -3.58
C HIS A 225 16.62 6.79 -4.71
N LYS A 226 17.47 7.76 -4.99
CA LYS A 226 18.49 7.63 -6.03
C LYS A 226 19.80 7.13 -5.46
N LEU A 227 20.32 6.07 -6.05
CA LEU A 227 21.58 5.51 -5.68
C LEU A 227 22.68 6.32 -6.39
N PRO A 228 23.93 6.17 -5.94
CA PRO A 228 25.02 6.96 -6.53
C PRO A 228 25.23 6.79 -8.04
N ASP A 229 24.90 5.65 -8.63
N ASP A 229 24.87 5.62 -8.55
CA ASP A 229 25.04 5.51 -10.09
CA ASP A 229 24.89 5.32 -9.98
C ASP A 229 23.93 6.28 -10.82
C ASP A 229 23.74 5.99 -10.74
N GLY A 230 23.01 6.89 -10.08
CA GLY A 230 21.86 7.57 -10.69
C GLY A 230 20.58 6.77 -10.82
N ASN A 231 20.64 5.46 -10.69
CA ASN A 231 19.45 4.64 -10.70
C ASN A 231 18.67 4.73 -9.40
N TYR A 232 17.37 4.45 -9.46
CA TYR A 232 16.53 4.41 -8.28
C TYR A 232 16.64 3.09 -7.55
N ALA A 233 16.53 3.12 -6.22
CA ALA A 233 16.48 1.89 -5.41
C ALA A 233 15.14 1.20 -5.65
N THR A 234 15.23 -0.07 -6.06
CA THR A 234 14.05 -0.85 -6.39
C THR A 234 14.04 -2.20 -5.63
N PRO A 235 13.48 -2.22 -4.43
CA PRO A 235 13.38 -3.49 -3.70
C PRO A 235 12.49 -4.54 -4.38
N PRO A 236 12.67 -5.82 -4.02
CA PRO A 236 11.87 -6.88 -4.63
C PRO A 236 10.42 -6.80 -4.22
N ALA A 237 9.53 -7.07 -5.18
CA ALA A 237 8.09 -6.97 -5.02
C ALA A 237 7.43 -8.34 -5.14
N PHE A 238 6.23 -8.42 -4.60
CA PHE A 238 5.35 -9.55 -4.76
C PHE A 238 4.01 -8.92 -5.11
N TRP A 239 3.33 -9.46 -6.13
CA TRP A 239 1.99 -8.96 -6.48
C TRP A 239 1.07 -10.11 -6.83
N ALA A 240 -0.23 -9.86 -6.63
CA ALA A 240 -1.26 -10.84 -6.94
C ALA A 240 -2.60 -10.15 -7.22
N VAL A 241 -3.42 -10.83 -8.03
CA VAL A 241 -4.83 -10.48 -8.13
C VAL A 241 -5.60 -11.67 -7.52
N ILE A 242 -6.44 -11.35 -6.51
CA ILE A 242 -7.24 -12.38 -5.82
C ILE A 242 -8.72 -12.03 -5.84
N LYS A 243 -9.56 -13.06 -5.78
CA LYS A 243 -11.01 -12.91 -5.76
C LYS A 243 -11.58 -14.08 -4.94
N HIS A 244 -12.62 -13.83 -4.14
CA HIS A 244 -13.20 -14.90 -3.32
C HIS A 244 -13.53 -16.12 -4.21
N ARG A 245 -13.20 -17.30 -3.70
CA ARG A 245 -13.53 -18.54 -4.42
C ARG A 245 -15.04 -18.72 -4.52
O7 UNL B . 6.55 1.63 4.30
C5 UNL B . 7.73 1.30 4.17
O6 UNL B . 8.45 1.19 5.17
C4 UNL B . 8.33 0.99 2.82
N3 UNL B . 7.49 1.28 1.65
C15 UNL B . 8.34 1.53 0.48
C2 UNL B . 6.13 1.35 1.52
N8 UNL B . 5.64 1.66 0.34
N1 UNL B . 5.21 1.13 2.46
CO CO C . -14.91 -16.34 2.57
CL CL D . -2.00 -0.80 16.43
N SAH E . -0.62 3.20 -1.53
CA SAH E . 0.10 4.48 -1.33
CB SAH E . 0.76 4.60 0.06
CG SAH E . 1.76 3.52 0.52
SD SAH E . 2.50 3.89 2.12
C SAH E . 1.15 4.72 -2.41
O SAH E . 1.57 5.87 -2.64
OXT SAH E . 1.61 3.76 -3.04
C5' SAH E . 1.45 2.94 3.20
C4' SAH E . 0.09 3.66 3.49
O4' SAH E . -0.72 2.82 4.34
C3' SAH E . 0.17 5.01 4.23
O3' SAH E . -0.53 6.04 3.55
C2' SAH E . -0.50 4.75 5.57
O2' SAH E . -1.08 5.90 6.22
C1' SAH E . -1.47 3.64 5.22
N9 SAH E . -1.95 2.88 6.38
C8 SAH E . -1.15 2.43 7.40
N7 SAH E . -1.88 1.75 8.29
C5 SAH E . -3.16 1.75 7.83
C6 SAH E . -4.43 1.24 8.34
N6 SAH E . -4.39 0.59 9.53
N1 SAH E . -5.56 1.45 7.65
C2 SAH E . -5.55 2.15 6.47
N3 SAH E . -4.41 2.65 5.98
C4 SAH E . -3.22 2.51 6.61
N1 IMD F . -16.11 -14.81 3.46
C2 IMD F . -16.63 -14.71 4.68
N3 IMD F . -17.21 -13.47 4.72
C4 IMD F . -17.07 -12.86 3.51
C5 IMD F . -16.37 -13.69 2.72
S SO4 G . 14.24 -11.00 3.79
O1 SO4 G . 15.22 -10.20 3.05
O2 SO4 G . 14.91 -11.79 4.84
O3 SO4 G . 13.42 -11.83 2.87
O4 SO4 G . 13.33 -10.09 4.50
S SO4 H . -18.01 7.15 0.37
O1 SO4 H . -18.57 7.06 -0.99
O2 SO4 H . -16.68 7.74 0.40
O3 SO4 H . -17.99 5.81 0.93
O4 SO4 H . -18.87 8.01 1.19
S SO4 I . -18.90 -12.58 -9.40
O1 SO4 I . -20.16 -12.22 -10.04
O2 SO4 I . -17.91 -11.55 -9.68
O3 SO4 I . -18.41 -13.88 -9.89
O4 SO4 I . -19.15 -12.67 -7.96
S SO4 J . 4.33 -7.74 -15.94
O1 SO4 J . 3.01 -7.09 -15.94
O2 SO4 J . 5.40 -6.82 -15.53
O3 SO4 J . 4.59 -8.11 -17.33
O4 SO4 J . 4.35 -8.96 -15.13
C1 EDO K . 5.69 11.67 -7.98
O1 EDO K . 5.31 11.95 -9.32
C2 EDO K . 4.43 11.95 -7.19
O2 EDO K . 4.65 13.01 -6.26
C1 EDO L . 5.93 -0.55 -8.59
O1 EDO L . 6.32 0.81 -8.34
C2 EDO L . 4.47 -0.67 -9.12
O2 EDO L . 3.48 0.09 -8.34
C1 EDO M . 2.05 -0.19 -19.23
O1 EDO M . 2.43 -0.99 -18.10
C2 EDO M . 2.55 -0.83 -20.53
O2 EDO M . 1.76 -1.97 -20.90
C1 EDO N . -22.68 -9.65 -2.63
O1 EDO N . -22.22 -9.79 -3.98
C2 EDO N . -21.93 -10.59 -1.70
O2 EDO N . -20.71 -9.96 -1.19
C1 EDO O . -5.04 -19.83 -5.44
O1 EDO O . -6.11 -20.13 -6.31
C2 EDO O . -4.46 -21.08 -4.81
O2 EDO O . -3.65 -20.65 -3.73
C1 EDO P . 22.58 5.51 -0.35
O1 EDO P . 22.58 5.83 -1.76
C2 EDO P . 21.81 4.22 -0.10
O2 EDO P . 21.69 3.83 1.30
C1 EDO Q . -22.86 -5.76 -5.04
O1 EDO Q . -22.88 -4.43 -5.69
C2 EDO Q . -22.73 -5.70 -3.50
O2 EDO Q . -23.76 -6.29 -2.65
C1 EDO R . 6.44 -11.38 -12.83
O1 EDO R . 7.32 -12.25 -12.12
C2 EDO R . 6.79 -9.98 -12.33
O2 EDO R . 5.88 -9.05 -12.90
C1 EDO S . -16.18 3.96 8.08
O1 EDO S . -17.18 4.53 8.91
C2 EDO S . -14.92 4.80 8.29
O2 EDO S . -14.76 5.69 7.17
#